data_4TVI
#
_entry.id   4TVI
#
_cell.length_a   93.990
_cell.length_b   127.320
_cell.length_c   47.690
_cell.angle_alpha   90.000
_cell.angle_beta   90.000
_cell.angle_gamma   90.000
#
_symmetry.space_group_name_H-M   'P 21 21 2'
#
loop_
_entity.id
_entity.type
_entity.pdbx_description
1 polymer 'Aminotransferase, class IV'
2 non-polymer 1,2-ETHANEDIOL
3 water water
#
_entity_poly.entity_id   1
_entity_poly.type   'polypeptide(L)'
_entity_poly.pdbx_seq_one_letter_code
;MAHHHHHHMGTLEAQTQGPGSMLQGTREMTDTRAMWTYYKGEWREGDVRILGAASQATWLGSLVFDGARLFEGVTPDLDR
HSARANDSARALGLEPTLSANDIEALAREGLKKFAPDTDVYIRPMYWAEEGDASTVAPLASSTDFALCLEAIPMVEPKGF
TITTTSFRRPYLEVMPVNA(LLP)AACLYPNNARMLREAKAKGFHNALVTDVLGNVAETATSNVFMVRGGEVFTPVPNGT
FLNGITRQRVIKLLREAGVSVHETTLKIEDFREADEIFSTGNMSKVVPIIGFDERKLDYGLVTKRARALYWEWAHA
;
_entity_poly.pdbx_strand_id   A,B
#
# COMPACT_ATOMS: atom_id res chain seq x y z
N ARG A 33 -21.74 -16.03 3.23
CA ARG A 33 -21.33 -15.97 1.83
C ARG A 33 -22.11 -14.90 1.05
N ALA A 34 -23.32 -14.60 1.50
CA ALA A 34 -24.18 -13.64 0.81
C ALA A 34 -23.53 -12.26 0.70
N MET A 35 -23.53 -11.71 -0.51
CA MET A 35 -22.82 -10.45 -0.76
C MET A 35 -23.54 -9.59 -1.78
N TRP A 36 -23.59 -8.29 -1.50
CA TRP A 36 -24.15 -7.29 -2.40
C TRP A 36 -23.21 -6.11 -2.52
N THR A 37 -22.87 -5.74 -3.75
CA THR A 37 -21.95 -4.62 -3.96
C THR A 37 -22.55 -3.56 -4.87
N TYR A 38 -22.48 -2.30 -4.43
CA TYR A 38 -22.91 -1.19 -5.27
C TYR A 38 -21.72 -0.68 -6.07
N TYR A 39 -21.82 -0.74 -7.38
CA TYR A 39 -20.72 -0.35 -8.26
C TYR A 39 -21.29 0.09 -9.60
N LYS A 40 -20.81 1.23 -10.10
CA LYS A 40 -21.32 1.81 -11.34
C LYS A 40 -22.85 1.88 -11.36
N GLY A 41 -23.42 2.44 -10.29
CA GLY A 41 -24.84 2.73 -10.24
C GLY A 41 -25.78 1.55 -10.07
N GLU A 42 -25.24 0.39 -9.75
CA GLU A 42 -26.05 -0.81 -9.64
C GLU A 42 -25.65 -1.67 -8.45
N TRP A 43 -26.62 -2.20 -7.73
CA TRP A 43 -26.32 -3.21 -6.74
C TRP A 43 -26.10 -4.53 -7.46
N ARG A 44 -25.00 -5.18 -7.15
CA ARG A 44 -24.65 -6.44 -7.82
C ARG A 44 -24.31 -7.52 -6.81
N GLU A 45 -24.72 -8.75 -7.12
CA GLU A 45 -24.57 -9.86 -6.19
C GLU A 45 -23.27 -10.64 -6.45
N GLY A 46 -22.77 -11.30 -5.41
CA GLY A 46 -21.63 -12.18 -5.57
C GLY A 46 -20.32 -11.45 -5.83
N ASP A 47 -19.48 -12.07 -6.64
CA ASP A 47 -18.15 -11.52 -6.91
C ASP A 47 -18.21 -10.44 -7.97
N VAL A 48 -17.87 -9.21 -7.58
CA VAL A 48 -17.89 -8.09 -8.50
C VAL A 48 -16.48 -7.55 -8.72
N ARG A 49 -15.98 -7.67 -9.94
CA ARG A 49 -14.64 -7.21 -10.27
C ARG A 49 -14.65 -5.70 -10.51
N ILE A 50 -14.02 -4.96 -9.61
CA ILE A 50 -14.14 -3.50 -9.63
C ILE A 50 -12.85 -2.77 -10.04
N LEU A 51 -11.71 -3.41 -9.88
CA LEU A 51 -10.42 -2.79 -10.24
C LEU A 51 -9.81 -3.40 -11.50
N GLY A 52 -9.45 -2.55 -12.46
CA GLY A 52 -8.90 -3.01 -13.72
C GLY A 52 -7.42 -3.32 -13.67
N ALA A 53 -6.97 -4.10 -14.65
CA ALA A 53 -5.57 -4.47 -14.74
C ALA A 53 -4.70 -3.23 -14.94
N ALA A 54 -5.29 -2.19 -15.50
CA ALA A 54 -4.56 -0.95 -15.76
C ALA A 54 -5.12 0.22 -14.96
N SER A 55 -5.96 -0.06 -13.97
CA SER A 55 -6.42 0.97 -13.05
C SER A 55 -5.24 1.45 -12.22
N GLN A 56 -5.13 2.76 -12.02
CA GLN A 56 -4.04 3.33 -11.22
C GLN A 56 -4.00 2.68 -9.84
N ALA A 57 -5.18 2.53 -9.24
CA ALA A 57 -5.27 2.00 -7.88
C ALA A 57 -4.76 0.57 -7.79
N THR A 58 -4.91 -0.17 -8.87
CA THR A 58 -4.58 -1.59 -8.85
C THR A 58 -3.09 -1.84 -8.58
N TRP A 59 -2.21 -1.11 -9.25
CA TRP A 59 -0.79 -1.37 -9.06
C TRP A 59 -0.02 -0.20 -8.44
N LEU A 60 -0.71 0.88 -8.08
CA LEU A 60 -0.05 2.02 -7.46
C LEU A 60 -0.70 2.41 -6.12
N GLY A 61 -1.74 1.67 -5.73
CA GLY A 61 -2.19 1.60 -4.35
C GLY A 61 -3.05 2.69 -3.70
N SER A 62 -3.87 3.38 -4.48
CA SER A 62 -4.57 4.54 -3.93
C SER A 62 -5.90 4.25 -3.22
N LEU A 63 -6.30 2.98 -3.10
CA LEU A 63 -7.62 2.67 -2.54
C LEU A 63 -7.71 2.88 -1.03
N VAL A 64 -8.79 3.54 -0.60
CA VAL A 64 -9.10 3.67 0.81
C VAL A 64 -10.40 2.94 1.11
N PHE A 65 -10.63 2.63 2.38
CA PHE A 65 -11.82 1.90 2.76
C PHE A 65 -12.25 2.25 4.18
N ASP A 66 -13.47 1.87 4.54
CA ASP A 66 -13.88 1.94 5.93
C ASP A 66 -14.67 0.69 6.27
N GLY A 67 -15.26 0.68 7.46
CA GLY A 67 -16.02 -0.48 7.89
C GLY A 67 -17.10 -0.13 8.89
N ALA A 68 -18.34 -0.42 8.55
CA ALA A 68 -19.43 -0.32 9.51
C ALA A 68 -20.07 -1.70 9.71
N ARG A 69 -21.02 -1.79 10.65
CA ARG A 69 -21.58 -3.09 11.00
C ARG A 69 -23.09 -3.04 11.23
N LEU A 70 -23.80 -3.96 10.60
CA LEU A 70 -25.21 -4.20 10.93
C LEU A 70 -25.30 -5.46 11.80
N PHE A 71 -25.85 -5.32 13.00
CA PHE A 71 -26.03 -6.48 13.85
C PHE A 71 -27.20 -6.26 14.80
N GLU A 72 -27.99 -7.33 15.01
CA GLU A 72 -29.16 -7.26 15.88
C GLU A 72 -30.08 -6.10 15.51
N GLY A 73 -30.10 -5.77 14.21
CA GLY A 73 -31.01 -4.77 13.68
C GLY A 73 -30.52 -3.33 13.80
N VAL A 74 -29.32 -3.11 14.31
CA VAL A 74 -28.84 -1.75 14.48
C VAL A 74 -27.50 -1.53 13.77
N THR A 75 -27.22 -0.26 13.43
CA THR A 75 -25.99 0.10 12.70
C THR A 75 -25.26 1.24 13.39
N PRO A 76 -24.72 1.00 14.59
CA PRO A 76 -24.09 2.06 15.40
C PRO A 76 -22.94 2.74 14.69
N ASP A 77 -22.90 4.07 14.78
CA ASP A 77 -21.83 4.89 14.23
C ASP A 77 -21.64 4.71 12.73
N LEU A 78 -22.70 4.29 12.05
CA LEU A 78 -22.67 4.20 10.58
C LEU A 78 -22.37 5.57 9.99
N ASP A 79 -22.87 6.63 10.62
CA ASP A 79 -22.66 7.97 10.12
C ASP A 79 -21.19 8.38 10.22
N ARG A 80 -20.55 8.03 11.33
CA ARG A 80 -19.14 8.37 11.54
C ARG A 80 -18.25 7.59 10.57
N HIS A 81 -18.54 6.30 10.40
CA HIS A 81 -17.78 5.46 9.48
C HIS A 81 -17.93 5.94 8.04
N SER A 82 -19.14 6.40 7.70
CA SER A 82 -19.39 6.93 6.35
C SER A 82 -18.57 8.18 6.11
N ALA A 83 -18.51 9.04 7.12
CA ALA A 83 -17.79 10.30 7.01
C ALA A 83 -16.29 10.07 6.86
N ARG A 84 -15.76 9.08 7.58
CA ARG A 84 -14.31 8.87 7.58
C ARG A 84 -13.83 8.38 6.22
N ALA A 85 -14.68 7.65 5.50
CA ALA A 85 -14.32 7.19 4.16
C ALA A 85 -13.95 8.38 3.27
N ASN A 86 -14.73 9.46 3.36
CA ASN A 86 -14.42 10.66 2.61
C ASN A 86 -13.13 11.32 3.09
N ASP A 87 -12.91 11.31 4.39
CA ASP A 87 -11.67 11.84 4.95
C ASP A 87 -10.45 11.08 4.41
N SER A 88 -10.53 9.75 4.48
CA SER A 88 -9.45 8.90 4.00
C SER A 88 -9.18 9.12 2.52
N ALA A 89 -10.26 9.29 1.75
CA ALA A 89 -10.11 9.52 0.31
C ALA A 89 -9.31 10.78 0.06
N ARG A 90 -9.69 11.88 0.71
CA ARG A 90 -8.98 13.13 0.53
C ARG A 90 -7.53 13.04 1.02
N ALA A 91 -7.31 12.25 2.09
CA ALA A 91 -5.96 12.07 2.62
C ALA A 91 -5.08 11.32 1.63
N LEU A 92 -5.70 10.64 0.68
CA LEU A 92 -4.97 9.90 -0.35
C LEU A 92 -4.98 10.62 -1.70
N GLY A 93 -5.40 11.88 -1.71
CA GLY A 93 -5.39 12.66 -2.93
C GLY A 93 -6.54 12.35 -3.87
N LEU A 94 -7.58 11.72 -3.34
CA LEU A 94 -8.76 11.42 -4.13
C LEU A 94 -9.80 12.51 -3.94
N GLU A 95 -10.79 12.54 -4.81
CA GLU A 95 -11.92 13.44 -4.62
C GLU A 95 -13.18 12.61 -4.46
N PRO A 96 -13.63 12.41 -3.21
CA PRO A 96 -14.79 11.57 -2.91
C PRO A 96 -16.01 11.99 -3.72
N THR A 97 -16.70 10.99 -4.26
CA THR A 97 -17.80 11.19 -5.20
C THR A 97 -19.15 11.28 -4.51
N LEU A 98 -19.21 10.89 -3.24
CA LEU A 98 -20.46 10.92 -2.47
C LEU A 98 -20.29 11.66 -1.13
N SER A 99 -21.34 12.34 -0.71
CA SER A 99 -21.35 12.93 0.63
C SER A 99 -21.41 11.81 1.65
N ALA A 100 -21.12 12.13 2.91
CA ALA A 100 -21.20 11.14 3.98
C ALA A 100 -22.62 10.62 4.12
N ASN A 101 -23.60 11.52 4.01
CA ASN A 101 -25.01 11.14 4.05
C ASN A 101 -25.41 10.24 2.88
N ASP A 102 -24.83 10.51 1.70
CA ASP A 102 -25.06 9.67 0.53
C ASP A 102 -24.65 8.22 0.80
N ILE A 103 -23.44 8.05 1.33
CA ILE A 103 -22.89 6.74 1.64
C ILE A 103 -23.75 6.01 2.66
N GLU A 104 -24.17 6.74 3.71
CA GLU A 104 -25.00 6.15 4.75
C GLU A 104 -26.35 5.73 4.18
N ALA A 105 -26.97 6.60 3.40
CA ALA A 105 -28.27 6.33 2.80
C ALA A 105 -28.19 5.13 1.86
N LEU A 106 -27.12 5.09 1.07
CA LEU A 106 -26.90 3.98 0.15
C LEU A 106 -26.68 2.67 0.91
N ALA A 107 -25.94 2.74 2.01
CA ALA A 107 -25.71 1.57 2.85
C ALA A 107 -27.03 0.99 3.38
N ARG A 108 -27.90 1.88 3.85
CA ARG A 108 -29.18 1.44 4.40
C ARG A 108 -30.05 0.80 3.33
N GLU A 109 -29.94 1.30 2.10
CA GLU A 109 -30.68 0.74 0.98
C GLU A 109 -30.16 -0.66 0.68
N GLY A 110 -28.84 -0.80 0.69
CA GLY A 110 -28.22 -2.08 0.37
C GLY A 110 -28.55 -3.14 1.40
N LEU A 111 -28.63 -2.73 2.67
CA LEU A 111 -28.93 -3.67 3.75
C LEU A 111 -30.30 -4.33 3.53
N LYS A 112 -31.20 -3.60 2.89
CA LYS A 112 -32.55 -4.10 2.62
C LYS A 112 -32.51 -5.31 1.68
N LYS A 113 -31.43 -5.47 0.94
CA LYS A 113 -31.32 -6.55 -0.03
C LYS A 113 -31.11 -7.89 0.67
N PHE A 114 -30.72 -7.82 1.94
CA PHE A 114 -30.48 -9.02 2.74
C PHE A 114 -31.76 -9.51 3.41
N ALA A 115 -31.79 -10.80 3.71
CA ALA A 115 -32.90 -11.36 4.47
C ALA A 115 -32.96 -10.69 5.84
N PRO A 116 -34.17 -10.61 6.42
CA PRO A 116 -34.33 -10.07 7.77
C PRO A 116 -33.41 -10.77 8.76
N ASP A 117 -33.00 -10.05 9.81
CA ASP A 117 -32.16 -10.61 10.86
C ASP A 117 -30.84 -11.16 10.33
N THR A 118 -30.32 -10.55 9.27
CA THR A 118 -29.01 -10.91 8.74
C THR A 118 -28.01 -9.83 9.12
N ASP A 119 -26.94 -10.22 9.82
CA ASP A 119 -25.88 -9.29 10.21
C ASP A 119 -24.94 -9.04 9.04
N VAL A 120 -24.58 -7.78 8.85
CA VAL A 120 -23.83 -7.40 7.66
C VAL A 120 -22.61 -6.56 7.99
N TYR A 121 -21.52 -6.85 7.28
CA TYR A 121 -20.32 -6.04 7.27
C TYR A 121 -20.30 -5.08 6.07
N ILE A 122 -20.16 -3.79 6.38
CA ILE A 122 -20.29 -2.71 5.40
C ILE A 122 -18.95 -2.05 5.08
N ARG A 123 -18.48 -2.20 3.85
CA ARG A 123 -17.19 -1.61 3.47
C ARG A 123 -17.29 -0.67 2.27
N PRO A 124 -17.31 0.65 2.54
CA PRO A 124 -17.19 1.67 1.49
C PRO A 124 -15.76 1.73 0.97
N MET A 125 -15.59 1.98 -0.34
CA MET A 125 -14.25 2.04 -0.92
C MET A 125 -14.13 3.13 -1.99
N TYR A 126 -13.05 3.89 -1.92
CA TYR A 126 -12.70 4.90 -2.92
C TYR A 126 -11.34 4.58 -3.50
N TRP A 127 -11.13 4.87 -4.78
CA TRP A 127 -9.83 4.67 -5.43
C TRP A 127 -9.73 5.48 -6.71
N ALA A 128 -8.51 5.66 -7.20
CA ALA A 128 -8.31 6.38 -8.47
C ALA A 128 -8.22 5.41 -9.63
N GLU A 129 -8.94 5.71 -10.71
CA GLU A 129 -8.86 4.89 -11.92
C GLU A 129 -7.65 5.29 -12.78
N GLU A 130 -7.27 6.56 -12.74
CA GLU A 130 -6.17 7.04 -13.57
CA GLU A 130 -6.19 7.08 -13.58
C GLU A 130 -5.12 7.80 -12.76
N GLY A 131 -3.92 7.89 -13.33
CA GLY A 131 -2.87 8.69 -12.73
C GLY A 131 -2.79 9.97 -13.54
N ASP A 132 -2.14 10.99 -12.98
CA ASP A 132 -1.92 12.22 -13.72
C ASP A 132 -0.69 12.08 -14.61
N ALA A 133 -0.10 13.22 -14.98
CA ALA A 133 1.07 13.22 -15.86
C ALA A 133 2.24 12.40 -15.31
N SER A 134 2.29 12.27 -13.99
CA SER A 134 3.38 11.55 -13.33
C SER A 134 3.16 10.04 -13.30
N THR A 135 1.99 9.62 -13.76
CA THR A 135 1.55 8.22 -13.72
C THR A 135 1.34 7.70 -12.29
N VAL A 136 2.33 7.89 -11.41
CA VAL A 136 2.25 7.38 -10.05
C VAL A 136 1.19 8.11 -9.21
N ALA A 137 1.15 9.43 -9.30
CA ALA A 137 0.17 10.22 -8.54
C ALA A 137 -1.23 10.11 -9.13
N PRO A 138 -2.23 9.88 -8.26
CA PRO A 138 -3.62 9.72 -8.71
C PRO A 138 -4.22 10.98 -9.34
N LEU A 139 -5.01 10.80 -10.39
CA LEU A 139 -5.81 11.89 -10.92
C LEU A 139 -7.12 11.93 -10.12
N ALA A 140 -7.28 12.94 -9.27
CA ALA A 140 -8.40 13.00 -8.31
C ALA A 140 -9.76 12.88 -8.99
N SER A 141 -9.89 13.50 -10.15
CA SER A 141 -11.15 13.49 -10.88
C SER A 141 -11.52 12.10 -11.38
N SER A 142 -10.57 11.16 -11.33
CA SER A 142 -10.83 9.80 -11.79
C SER A 142 -11.25 8.89 -10.63
N THR A 143 -11.55 9.50 -9.48
CA THR A 143 -12.00 8.75 -8.30
C THR A 143 -13.30 8.00 -8.57
N ASP A 144 -13.34 6.73 -8.18
CA ASP A 144 -14.56 5.94 -8.29
C ASP A 144 -14.91 5.33 -6.93
N PHE A 145 -16.11 4.78 -6.83
CA PHE A 145 -16.64 4.29 -5.56
C PHE A 145 -17.25 2.91 -5.68
N ALA A 146 -17.17 2.14 -4.59
CA ALA A 146 -17.91 0.89 -4.49
C ALA A 146 -18.24 0.63 -3.02
N LEU A 147 -19.44 0.09 -2.80
CA LEU A 147 -19.89 -0.23 -1.45
C LEU A 147 -20.19 -1.72 -1.35
N CYS A 148 -19.37 -2.43 -0.61
CA CYS A 148 -19.49 -3.89 -0.53
C CYS A 148 -20.12 -4.33 0.79
N LEU A 149 -21.23 -5.03 0.70
CA LEU A 149 -21.93 -5.55 1.87
C LEU A 149 -21.82 -7.07 1.91
N GLU A 150 -21.29 -7.58 3.01
CA GLU A 150 -21.15 -9.03 3.19
C GLU A 150 -21.90 -9.52 4.42
N ALA A 151 -22.72 -10.54 4.23
CA ALA A 151 -23.42 -11.19 5.33
C ALA A 151 -22.44 -11.93 6.23
N ILE A 152 -22.20 -11.38 7.42
CA ILE A 152 -21.36 -12.03 8.42
C ILE A 152 -22.06 -12.05 9.76
N PRO A 153 -22.39 -13.24 10.28
CA PRO A 153 -23.09 -13.34 11.57
C PRO A 153 -22.28 -12.71 12.71
N MET A 154 -22.95 -11.94 13.56
CA MET A 154 -22.31 -11.34 14.72
C MET A 154 -22.28 -12.32 15.87
N VAL A 155 -21.11 -12.89 16.12
CA VAL A 155 -20.93 -13.91 17.14
C VAL A 155 -20.19 -13.37 18.36
N GLU A 156 -20.57 -13.84 19.54
CA GLU A 156 -19.83 -13.50 20.76
CA GLU A 156 -19.83 -13.53 20.76
C GLU A 156 -18.39 -14.00 20.63
N PRO A 157 -17.43 -13.08 20.84
CA PRO A 157 -16.01 -13.40 20.70
C PRO A 157 -15.51 -14.33 21.81
N LYS A 158 -14.65 -15.28 21.46
CA LYS A 158 -14.03 -16.12 22.47
C LYS A 158 -12.71 -15.50 22.93
N GLY A 159 -12.26 -14.48 22.22
CA GLY A 159 -11.03 -13.79 22.58
C GLY A 159 -9.81 -14.33 21.84
N PHE A 160 -8.76 -13.53 21.75
CA PHE A 160 -7.54 -13.95 21.09
C PHE A 160 -6.27 -13.62 21.87
N THR A 161 -5.15 -14.20 21.46
CA THR A 161 -3.88 -14.02 22.14
C THR A 161 -2.97 -13.08 21.37
N ILE A 162 -2.02 -12.47 22.09
CA ILE A 162 -1.07 -11.57 21.45
C ILE A 162 0.38 -11.91 21.81
N THR A 163 1.28 -11.45 20.96
CA THR A 163 2.71 -11.52 21.21
C THR A 163 3.29 -10.23 20.65
N THR A 164 4.60 -10.05 20.78
CA THR A 164 5.25 -8.89 20.21
C THR A 164 5.58 -9.16 18.75
N THR A 165 5.92 -8.11 18.02
CA THR A 165 6.34 -8.24 16.63
C THR A 165 7.62 -7.46 16.39
N SER A 166 8.41 -7.93 15.44
CA SER A 166 9.68 -7.30 15.12
C SER A 166 9.45 -6.03 14.29
N PHE A 167 8.25 -5.89 13.77
CA PHE A 167 7.95 -4.73 12.94
C PHE A 167 7.26 -3.63 13.75
N ARG A 168 7.34 -2.40 13.26
CA ARG A 168 6.73 -1.27 13.95
C ARG A 168 5.77 -0.52 13.03
N ARG A 169 4.92 0.29 13.64
CA ARG A 169 4.07 1.22 12.92
C ARG A 169 4.90 2.21 12.14
N PRO A 170 4.47 2.54 10.92
CA PRO A 170 5.07 3.68 10.22
C PRO A 170 4.58 5.00 10.82
N TYR A 171 4.99 6.11 10.23
CA TYR A 171 4.56 7.43 10.67
C TYR A 171 4.38 8.31 9.44
N LEU A 172 3.73 9.45 9.61
CA LEU A 172 3.23 10.26 8.50
C LEU A 172 4.28 10.62 7.44
N GLU A 173 5.52 10.82 7.88
CA GLU A 173 6.59 11.23 6.98
C GLU A 173 6.94 10.16 5.93
N VAL A 174 6.66 8.90 6.24
CA VAL A 174 7.04 7.81 5.35
C VAL A 174 5.85 7.02 4.79
N MET A 175 4.68 7.17 5.40
CA MET A 175 3.44 6.56 4.85
C MET A 175 2.24 7.46 5.14
N PRO A 176 1.21 7.41 4.28
CA PRO A 176 -0.03 8.14 4.59
C PRO A 176 -0.83 7.47 5.72
N VAL A 177 -0.32 7.55 6.94
CA VAL A 177 -0.93 6.86 8.07
C VAL A 177 -2.17 7.56 8.61
N ASN A 178 -2.43 8.77 8.13
CA ASN A 178 -3.61 9.50 8.56
C ASN A 178 -4.84 9.11 7.74
N ALA A 179 -4.88 7.86 7.29
CA ALA A 179 -5.98 7.39 6.46
C ALA A 179 -6.20 5.89 6.61
N ALA A 181 -6.28 3.30 4.72
CA ALA A 181 -5.90 3.04 3.34
C ALA A 181 -5.35 1.63 3.17
N ALA A 182 -5.67 1.01 2.04
CA ALA A 182 -5.22 -0.34 1.74
C ALA A 182 -3.70 -0.47 1.77
N CYS A 183 -2.99 0.60 1.41
CA CYS A 183 -1.55 0.53 1.26
C CYS A 183 -0.82 0.33 2.59
N LEU A 184 -1.52 0.55 3.70
CA LEU A 184 -0.90 0.46 5.02
C LEU A 184 -0.90 -0.96 5.59
N TYR A 185 -1.68 -1.83 4.97
CA TYR A 185 -1.97 -3.12 5.61
C TYR A 185 -1.03 -4.30 5.31
N PRO A 186 -0.24 -4.23 4.22
CA PRO A 186 0.75 -5.30 4.15
C PRO A 186 1.70 -5.31 5.36
N ASN A 187 1.90 -4.17 5.99
CA ASN A 187 2.70 -4.12 7.21
C ASN A 187 2.00 -4.92 8.31
N ASN A 188 0.70 -4.67 8.48
CA ASN A 188 -0.11 -5.38 9.45
C ASN A 188 -0.11 -6.88 9.19
N ALA A 189 -0.11 -7.23 7.91
CA ALA A 189 -0.18 -8.63 7.48
C ALA A 189 1.05 -9.43 7.92
N ARG A 190 2.24 -8.89 7.67
CA ARG A 190 3.47 -9.57 8.05
C ARG A 190 3.58 -9.70 9.58
N MET A 191 3.05 -8.74 10.31
CA MET A 191 3.00 -8.83 11.77
C MET A 191 2.15 -10.02 12.18
N LEU A 192 1.01 -10.15 11.53
CA LEU A 192 0.09 -11.26 11.80
C LEU A 192 0.75 -12.58 11.43
N ARG A 193 1.44 -12.60 10.29
CA ARG A 193 2.17 -13.80 9.87
C ARG A 193 3.18 -14.19 10.93
N GLU A 194 3.90 -13.20 11.45
CA GLU A 194 4.89 -13.46 12.49
C GLU A 194 4.25 -13.99 13.77
N ALA A 195 3.14 -13.38 14.16
CA ALA A 195 2.43 -13.80 15.36
C ALA A 195 1.96 -15.23 15.22
N LYS A 196 1.35 -15.52 14.08
CA LYS A 196 0.86 -16.86 13.78
C LYS A 196 1.98 -17.88 13.81
N ALA A 197 3.14 -17.51 13.27
CA ALA A 197 4.29 -18.41 13.29
C ALA A 197 4.71 -18.71 14.72
N LYS A 198 4.54 -17.73 15.61
CA LYS A 198 4.98 -17.90 16.99
C LYS A 198 3.92 -18.56 17.85
N GLY A 199 2.76 -18.83 17.25
CA GLY A 199 1.70 -19.52 17.93
C GLY A 199 0.69 -18.62 18.60
N PHE A 200 0.53 -17.41 18.07
CA PHE A 200 -0.43 -16.44 18.62
C PHE A 200 -1.31 -15.87 17.51
N HIS A 201 -2.48 -15.34 17.87
CA HIS A 201 -3.44 -14.85 16.88
C HIS A 201 -3.03 -13.50 16.31
N ASN A 202 -2.43 -12.68 17.15
CA ASN A 202 -2.27 -11.26 16.84
C ASN A 202 -1.01 -10.72 17.49
N ALA A 203 -0.69 -9.46 17.18
CA ALA A 203 0.51 -8.84 17.70
C ALA A 203 0.19 -7.53 18.41
N LEU A 204 0.92 -7.24 19.49
CA LEU A 204 0.85 -5.94 20.13
C LEU A 204 1.93 -5.06 19.51
N VAL A 205 1.50 -4.03 18.78
CA VAL A 205 2.39 -3.28 17.90
C VAL A 205 2.81 -1.94 18.51
N THR A 206 4.10 -1.61 18.38
CA THR A 206 4.61 -0.33 18.86
C THR A 206 4.88 0.61 17.69
N ASP A 207 4.96 1.91 18.00
CA ASP A 207 5.41 2.90 17.04
C ASP A 207 6.94 2.95 17.05
N VAL A 208 7.53 3.87 16.30
CA VAL A 208 8.98 3.94 16.17
C VAL A 208 9.65 4.34 17.49
N LEU A 209 8.88 4.98 18.36
CA LEU A 209 9.37 5.36 19.69
C LEU A 209 9.38 4.18 20.66
N GLY A 210 8.78 3.07 20.26
CA GLY A 210 8.74 1.90 21.13
C GLY A 210 7.53 1.93 22.06
N ASN A 211 6.60 2.85 21.80
CA ASN A 211 5.39 2.92 22.60
C ASN A 211 4.25 2.17 21.91
N VAL A 212 3.45 1.45 22.70
CA VAL A 212 2.35 0.68 22.16
C VAL A 212 1.39 1.58 21.40
N ALA A 213 1.01 1.13 20.20
CA ALA A 213 0.05 1.84 19.38
C ALA A 213 -1.31 1.14 19.38
N GLU A 214 -1.29 -0.15 19.05
CA GLU A 214 -2.52 -0.94 18.90
C GLU A 214 -2.12 -2.37 18.62
N THR A 215 -3.09 -3.21 18.24
CA THR A 215 -2.76 -4.54 17.77
C THR A 215 -2.56 -4.46 16.28
N ALA A 216 -2.31 -5.59 15.63
CA ALA A 216 -2.09 -5.59 14.18
C ALA A 216 -3.38 -5.37 13.41
N THR A 217 -4.52 -5.47 14.09
CA THR A 217 -5.83 -5.36 13.43
C THR A 217 -6.80 -4.39 14.07
N SER A 218 -6.44 -3.82 15.23
CA SER A 218 -7.43 -3.09 16.02
C SER A 218 -6.83 -2.26 17.15
N ASN A 219 -7.56 -1.24 17.60
CA ASN A 219 -7.17 -0.48 18.77
C ASN A 219 -7.10 -1.37 19.99
N VAL A 220 -6.21 -1.05 20.92
CA VAL A 220 -6.00 -1.89 22.09
C VAL A 220 -6.27 -1.11 23.37
N PHE A 221 -6.79 -1.83 24.37
CA PHE A 221 -7.07 -1.28 25.69
C PHE A 221 -6.51 -2.21 26.75
N MET A 222 -6.24 -1.67 27.93
CA MET A 222 -5.91 -2.50 29.07
C MET A 222 -6.59 -1.98 30.32
N VAL A 223 -6.75 -2.87 31.30
CA VAL A 223 -7.34 -2.53 32.58
C VAL A 223 -6.35 -2.82 33.69
N ARG A 224 -6.20 -1.87 34.60
CA ARG A 224 -5.26 -2.05 35.70
C ARG A 224 -5.82 -1.32 36.91
N GLY A 225 -6.04 -2.07 37.99
CA GLY A 225 -6.57 -1.49 39.21
C GLY A 225 -7.92 -0.84 39.03
N GLY A 226 -8.75 -1.41 38.16
CA GLY A 226 -10.10 -0.90 37.95
C GLY A 226 -10.14 0.30 37.03
N GLU A 227 -8.97 0.74 36.57
CA GLU A 227 -8.88 1.84 35.63
C GLU A 227 -8.57 1.32 34.23
N VAL A 228 -9.07 2.01 33.21
CA VAL A 228 -8.79 1.63 31.84
C VAL A 228 -7.72 2.52 31.24
N PHE A 229 -6.74 1.90 30.57
CA PHE A 229 -5.68 2.62 29.88
C PHE A 229 -5.66 2.22 28.41
N THR A 230 -5.42 3.20 27.54
CA THR A 230 -5.33 2.96 26.11
C THR A 230 -4.35 3.95 25.51
N PRO A 231 -3.60 3.53 24.49
CA PRO A 231 -2.59 4.41 23.87
C PRO A 231 -3.17 5.75 23.44
N VAL A 232 -2.48 6.83 23.79
CA VAL A 232 -2.89 8.15 23.36
C VAL A 232 -2.71 8.21 21.84
N PRO A 233 -3.73 8.71 21.13
CA PRO A 233 -3.61 8.87 19.67
C PRO A 233 -2.44 9.78 19.33
N ASN A 234 -1.52 9.33 18.50
CA ASN A 234 -0.40 10.18 18.10
C ASN A 234 -0.21 10.17 16.58
N GLY A 235 -1.17 9.57 15.87
CA GLY A 235 -1.15 9.60 14.41
C GLY A 235 -0.48 8.42 13.73
N THR A 236 0.11 7.52 14.52
CA THR A 236 0.80 6.38 13.93
C THR A 236 -0.18 5.23 13.77
N PHE A 237 -1.37 5.41 14.35
CA PHE A 237 -2.45 4.44 14.22
C PHE A 237 -3.77 5.18 14.18
N LEU A 238 -4.81 4.51 13.68
CA LEU A 238 -6.12 5.13 13.59
C LEU A 238 -6.76 5.28 14.97
N ASN A 239 -7.22 6.49 15.26
CA ASN A 239 -8.04 6.72 16.43
C ASN A 239 -9.43 6.21 16.12
N GLY A 240 -9.64 4.92 16.39
CA GLY A 240 -10.84 4.23 15.96
C GLY A 240 -12.14 4.85 16.42
N ILE A 241 -13.17 4.68 15.60
CA ILE A 241 -14.50 5.16 15.93
C ILE A 241 -15.12 4.32 17.06
N THR A 242 -14.87 3.02 17.03
CA THR A 242 -15.35 2.14 18.08
C THR A 242 -14.65 2.47 19.39
N ARG A 243 -13.34 2.72 19.28
CA ARG A 243 -12.50 3.13 20.41
C ARG A 243 -13.06 4.35 21.12
N GLN A 244 -13.36 5.39 20.35
CA GLN A 244 -13.91 6.63 20.90
C GLN A 244 -15.26 6.40 21.58
N ARG A 245 -16.08 5.55 20.97
CA ARG A 245 -17.40 5.26 21.51
C ARG A 245 -17.29 4.56 22.85
N VAL A 246 -16.39 3.57 22.93
CA VAL A 246 -16.17 2.81 24.16
C VAL A 246 -15.61 3.69 25.28
N ILE A 247 -14.68 4.57 24.93
CA ILE A 247 -14.12 5.51 25.90
C ILE A 247 -15.23 6.41 26.45
N LYS A 248 -16.05 6.92 25.55
CA LYS A 248 -17.16 7.81 25.92
C LYS A 248 -18.14 7.10 26.85
N LEU A 249 -18.50 5.87 26.52
CA LEU A 249 -19.47 5.12 27.31
C LEU A 249 -18.89 4.72 28.67
N LEU A 250 -17.63 4.30 28.69
CA LEU A 250 -16.98 3.93 29.95
C LEU A 250 -16.91 5.11 30.90
N ARG A 251 -16.51 6.27 30.40
CA ARG A 251 -16.41 7.44 31.27
C ARG A 251 -17.78 7.85 31.77
N GLU A 252 -18.81 7.71 30.92
CA GLU A 252 -20.17 8.03 31.32
C GLU A 252 -20.70 7.08 32.38
N ALA A 253 -20.16 5.87 32.44
CA ALA A 253 -20.58 4.90 33.44
C ALA A 253 -19.77 5.06 34.74
N GLY A 254 -18.88 6.05 34.77
CA GLY A 254 -18.10 6.34 35.96
C GLY A 254 -16.74 5.66 35.99
N VAL A 255 -16.35 5.05 34.87
CA VAL A 255 -15.06 4.38 34.79
C VAL A 255 -13.99 5.37 34.33
N SER A 256 -12.85 5.39 35.03
CA SER A 256 -11.73 6.22 34.60
C SER A 256 -11.01 5.62 33.39
N VAL A 257 -10.90 6.41 32.33
CA VAL A 257 -10.20 5.99 31.14
C VAL A 257 -9.05 6.95 30.84
N HIS A 258 -7.83 6.43 30.78
CA HIS A 258 -6.67 7.29 30.56
C HIS A 258 -6.07 7.05 29.18
N GLU A 259 -6.04 8.11 28.38
CA GLU A 259 -5.36 8.08 27.08
C GLU A 259 -3.95 8.62 27.24
N THR A 260 -3.01 7.71 27.36
CA THR A 260 -1.66 8.07 27.74
C THR A 260 -0.64 7.24 26.96
N THR A 261 0.64 7.56 27.14
CA THR A 261 1.69 6.82 26.48
C THR A 261 1.90 5.50 27.23
N LEU A 262 1.78 4.39 26.52
CA LEU A 262 1.93 3.08 27.14
C LEU A 262 3.06 2.28 26.48
N LYS A 263 3.80 1.54 27.32
CA LYS A 263 4.84 0.66 26.82
C LYS A 263 4.42 -0.79 26.93
N ILE A 264 5.22 -1.69 26.36
CA ILE A 264 4.94 -3.12 26.43
C ILE A 264 4.83 -3.55 27.87
N GLU A 265 5.70 -2.99 28.71
CA GLU A 265 5.69 -3.26 30.15
C GLU A 265 4.32 -3.01 30.79
N ASP A 266 3.63 -1.97 30.36
CA ASP A 266 2.30 -1.67 30.90
C ASP A 266 1.32 -2.81 30.64
N PHE A 267 1.41 -3.41 29.47
CA PHE A 267 0.50 -4.49 29.11
C PHE A 267 0.93 -5.80 29.77
N ARG A 268 2.21 -5.89 30.12
CA ARG A 268 2.68 -7.04 30.89
C ARG A 268 1.99 -7.06 32.26
N GLU A 269 1.64 -5.87 32.78
CA GLU A 269 1.06 -5.77 34.12
C GLU A 269 -0.46 -5.70 34.11
N ALA A 270 -1.07 -5.78 32.93
CA ALA A 270 -2.52 -5.58 32.84
C ALA A 270 -3.30 -6.67 33.56
N ASP A 271 -4.38 -6.27 34.23
CA ASP A 271 -5.34 -7.21 34.79
C ASP A 271 -6.18 -7.77 33.65
N GLU A 272 -6.55 -6.89 32.73
CA GLU A 272 -7.30 -7.26 31.53
C GLU A 272 -6.74 -6.55 30.31
N ILE A 273 -6.87 -7.18 29.15
CA ILE A 273 -6.56 -6.56 27.88
C ILE A 273 -7.72 -6.83 26.92
N PHE A 274 -8.13 -5.81 26.18
CA PHE A 274 -9.13 -6.03 25.13
C PHE A 274 -8.91 -5.11 23.94
N SER A 275 -9.63 -5.39 22.86
CA SER A 275 -9.52 -4.58 21.65
C SER A 275 -10.88 -4.05 21.24
N THR A 276 -10.88 -2.99 20.44
CA THR A 276 -12.10 -2.45 19.86
C THR A 276 -11.93 -2.31 18.36
N GLY A 277 -13.02 -2.43 17.63
CA GLY A 277 -12.97 -2.36 16.19
C GLY A 277 -14.35 -2.59 15.61
N ASN A 278 -14.54 -2.29 14.34
CA ASN A 278 -15.86 -2.37 13.75
C ASN A 278 -16.50 -3.75 13.76
N MET A 279 -15.70 -4.79 13.49
CA MET A 279 -16.27 -6.11 13.23
C MET A 279 -17.01 -6.73 14.41
N SER A 280 -16.41 -6.64 15.61
CA SER A 280 -17.02 -7.25 16.79
C SER A 280 -17.12 -6.28 17.98
N LYS A 281 -16.77 -5.02 17.73
CA LYS A 281 -16.91 -3.92 18.69
C LYS A 281 -15.97 -4.05 19.89
N VAL A 282 -16.18 -5.04 20.73
CA VAL A 282 -15.32 -5.22 21.91
C VAL A 282 -14.90 -6.68 22.01
N VAL A 283 -13.58 -6.92 21.99
CA VAL A 283 -13.05 -8.28 21.98
C VAL A 283 -11.95 -8.43 23.01
N PRO A 284 -12.08 -9.44 23.89
CA PRO A 284 -11.07 -9.67 24.93
C PRO A 284 -9.78 -10.26 24.36
N ILE A 285 -8.67 -9.90 24.98
CA ILE A 285 -7.40 -10.50 24.68
C ILE A 285 -7.05 -11.39 25.85
N ILE A 286 -7.01 -12.70 25.59
CA ILE A 286 -6.96 -13.70 26.64
C ILE A 286 -5.58 -14.31 26.85
N GLY A 287 -4.57 -13.69 26.26
CA GLY A 287 -3.21 -14.16 26.41
C GLY A 287 -2.20 -13.19 25.85
N PHE A 288 -1.13 -12.97 26.61
CA PHE A 288 0.00 -12.17 26.14
C PHE A 288 1.27 -12.97 26.40
N ASP A 289 1.78 -13.60 25.35
CA ASP A 289 2.90 -14.52 25.45
C ASP A 289 2.66 -15.57 26.54
N GLU A 290 3.50 -15.59 27.56
CA GLU A 290 3.42 -16.64 28.58
C GLU A 290 2.34 -16.40 29.64
N ARG A 291 1.74 -15.22 29.63
CA ARG A 291 0.74 -14.90 30.64
C ARG A 291 -0.67 -15.03 30.06
N LYS A 292 -1.41 -16.01 30.54
CA LYS A 292 -2.80 -16.17 30.15
C LYS A 292 -3.64 -15.14 30.89
N LEU A 293 -4.68 -14.64 30.25
CA LEU A 293 -5.55 -13.66 30.89
C LEU A 293 -7.01 -14.03 30.75
N ASP A 294 -7.77 -13.83 31.84
CA ASP A 294 -9.19 -14.11 31.83
C ASP A 294 -9.92 -13.08 31.00
N TYR A 295 -11.07 -13.49 30.47
CA TYR A 295 -12.06 -12.57 29.95
C TYR A 295 -12.60 -11.77 31.13
N GLY A 296 -12.11 -10.56 31.29
CA GLY A 296 -12.34 -9.79 32.51
C GLY A 296 -13.67 -9.07 32.62
N LEU A 297 -14.00 -8.67 33.86
CA LEU A 297 -15.25 -8.00 34.19
C LEU A 297 -15.37 -6.62 33.54
N VAL A 298 -14.28 -5.86 33.56
CA VAL A 298 -14.31 -4.50 33.01
C VAL A 298 -14.49 -4.56 31.49
N THR A 299 -13.85 -5.53 30.85
CA THR A 299 -14.03 -5.75 29.42
C THR A 299 -15.48 -6.07 29.12
N LYS A 300 -16.06 -6.97 29.90
CA LYS A 300 -17.45 -7.37 29.74
C LYS A 300 -18.38 -6.17 29.93
N ARG A 301 -18.05 -5.31 30.88
CA ARG A 301 -18.85 -4.12 31.14
C ARG A 301 -18.79 -3.19 29.94
N ALA A 302 -17.58 -2.99 29.41
CA ALA A 302 -17.37 -2.16 28.23
C ALA A 302 -18.25 -2.65 27.08
N ARG A 303 -18.22 -3.95 26.83
CA ARG A 303 -19.02 -4.55 25.77
C ARG A 303 -20.51 -4.37 26.07
N ALA A 304 -20.89 -4.54 27.34
CA ALA A 304 -22.29 -4.40 27.73
C ALA A 304 -22.76 -2.97 27.50
N LEU A 305 -21.93 -2.01 27.85
CA LEU A 305 -22.24 -0.60 27.68
C LEU A 305 -22.40 -0.25 26.21
N TYR A 306 -21.57 -0.84 25.36
CA TYR A 306 -21.66 -0.57 23.94
C TYR A 306 -23.00 -1.06 23.39
N TRP A 307 -23.37 -2.28 23.76
CA TRP A 307 -24.62 -2.88 23.29
C TRP A 307 -25.84 -2.10 23.78
N GLU A 308 -25.79 -1.59 25.01
CA GLU A 308 -26.89 -0.78 25.53
C GLU A 308 -27.10 0.45 24.68
N TRP A 309 -26.02 1.19 24.46
CA TRP A 309 -26.09 2.40 23.67
C TRP A 309 -26.51 2.12 22.24
N ALA A 310 -26.00 1.03 21.67
CA ALA A 310 -26.31 0.68 20.29
C ALA A 310 -27.80 0.43 20.11
N HIS A 311 -28.42 -0.15 21.14
CA HIS A 311 -29.85 -0.47 21.09
C HIS A 311 -30.73 0.60 21.75
N ALA A 312 -30.11 1.67 22.21
CA ALA A 312 -30.88 2.73 22.88
C ALA A 312 -31.67 3.52 21.85
N ARG B 33 -3.67 3.74 -25.99
CA ARG B 33 -4.88 3.13 -25.46
C ARG B 33 -4.82 1.61 -25.61
N ALA B 34 -4.06 1.14 -26.59
CA ALA B 34 -3.97 -0.28 -26.90
C ALA B 34 -3.47 -1.09 -25.71
N MET B 35 -4.20 -2.15 -25.40
CA MET B 35 -3.91 -2.96 -24.22
C MET B 35 -4.21 -4.44 -24.46
N TRP B 36 -3.34 -5.30 -23.94
CA TRP B 36 -3.61 -6.73 -23.92
C TRP B 36 -3.27 -7.27 -22.55
N THR B 37 -4.23 -7.96 -21.94
CA THR B 37 -4.04 -8.49 -20.59
C THR B 37 -4.27 -9.99 -20.56
N TYR B 38 -3.34 -10.71 -19.96
CA TYR B 38 -3.50 -12.14 -19.70
C TYR B 38 -4.04 -12.35 -18.30
N TYR B 39 -5.20 -12.97 -18.19
CA TYR B 39 -5.87 -13.18 -16.92
C TYR B 39 -6.76 -14.41 -17.02
N LYS B 40 -6.65 -15.29 -16.02
CA LYS B 40 -7.34 -16.57 -16.01
C LYS B 40 -7.14 -17.33 -17.32
N GLY B 41 -5.89 -17.43 -17.75
CA GLY B 41 -5.53 -18.27 -18.89
C GLY B 41 -5.94 -17.74 -20.25
N GLU B 42 -6.33 -16.48 -20.31
CA GLU B 42 -6.87 -15.91 -21.54
C GLU B 42 -6.38 -14.48 -21.78
N TRP B 43 -6.01 -14.18 -23.02
CA TRP B 43 -5.71 -12.82 -23.42
C TRP B 43 -6.96 -12.02 -23.78
N ARG B 44 -7.12 -10.83 -23.20
CA ARG B 44 -8.22 -9.95 -23.61
C ARG B 44 -7.74 -8.52 -23.81
N GLU B 45 -8.35 -7.83 -24.77
CA GLU B 45 -7.95 -6.48 -25.09
C GLU B 45 -8.78 -5.47 -24.31
N GLY B 46 -8.25 -4.26 -24.16
CA GLY B 46 -8.97 -3.19 -23.50
C GLY B 46 -9.04 -3.37 -21.99
N ASP B 47 -10.15 -2.95 -21.39
CA ASP B 47 -10.27 -2.96 -19.93
C ASP B 47 -10.65 -4.32 -19.37
N VAL B 48 -9.76 -4.88 -18.57
CA VAL B 48 -10.00 -6.17 -17.91
C VAL B 48 -10.01 -5.99 -16.40
N ARG B 49 -11.17 -6.24 -15.81
CA ARG B 49 -11.35 -6.11 -14.36
C ARG B 49 -10.83 -7.37 -13.66
N ILE B 50 -9.76 -7.22 -12.90
CA ILE B 50 -9.07 -8.37 -12.32
C ILE B 50 -9.20 -8.48 -10.79
N LEU B 51 -9.48 -7.36 -10.12
CA LEU B 51 -9.62 -7.37 -8.66
C LEU B 51 -11.05 -7.19 -8.19
N GLY B 52 -11.51 -8.11 -7.34
CA GLY B 52 -12.88 -8.10 -6.87
C GLY B 52 -13.13 -7.17 -5.71
N ALA B 53 -14.40 -6.82 -5.50
CA ALA B 53 -14.78 -5.93 -4.40
C ALA B 53 -14.43 -6.54 -3.05
N ALA B 54 -14.35 -7.87 -3.01
CA ALA B 54 -14.04 -8.57 -1.77
C ALA B 54 -12.71 -9.35 -1.85
N SER B 55 -11.93 -9.08 -2.89
CA SER B 55 -10.60 -9.66 -2.98
C SER B 55 -9.73 -9.09 -1.87
N GLN B 56 -8.96 -9.95 -1.21
CA GLN B 56 -8.09 -9.51 -0.12
C GLN B 56 -7.19 -8.38 -0.58
N ALA B 57 -6.62 -8.52 -1.78
CA ALA B 57 -5.68 -7.55 -2.30
C ALA B 57 -6.32 -6.18 -2.49
N THR B 58 -7.61 -6.16 -2.78
CA THR B 58 -8.29 -4.92 -3.12
C THR B 58 -8.27 -3.90 -1.99
N TRP B 59 -8.56 -4.33 -0.77
CA TRP B 59 -8.62 -3.38 0.34
C TRP B 59 -7.56 -3.63 1.41
N LEU B 60 -6.68 -4.60 1.18
CA LEU B 60 -5.63 -4.87 2.16
C LEU B 60 -4.22 -4.84 1.54
N GLY B 61 -4.17 -4.53 0.23
CA GLY B 61 -2.95 -4.04 -0.41
C GLY B 61 -1.80 -4.97 -0.79
N SER B 62 -2.11 -6.24 -1.06
CA SER B 62 -1.06 -7.25 -1.24
C SER B 62 -0.51 -7.38 -2.66
N LEU B 63 -0.97 -6.55 -3.59
CA LEU B 63 -0.57 -6.72 -4.98
C LEU B 63 0.88 -6.28 -5.23
N VAL B 64 1.65 -7.12 -5.92
CA VAL B 64 2.98 -6.73 -6.38
C VAL B 64 3.02 -6.70 -7.89
N PHE B 65 4.00 -6.00 -8.43
CA PHE B 65 4.12 -5.88 -9.87
C PHE B 65 5.58 -5.68 -10.25
N ASP B 66 5.85 -5.81 -11.54
CA ASP B 66 7.12 -5.35 -12.05
C ASP B 66 6.86 -4.63 -13.35
N GLY B 67 7.93 -4.22 -14.03
CA GLY B 67 7.81 -3.47 -15.26
C GLY B 67 9.00 -3.73 -16.16
N ALA B 68 8.72 -4.25 -17.34
CA ALA B 68 9.71 -4.37 -18.41
C ALA B 68 9.23 -3.54 -19.59
N ARG B 69 10.03 -3.47 -20.64
CA ARG B 69 9.73 -2.57 -21.75
C ARG B 69 10.02 -3.19 -23.12
N LEU B 70 9.07 -3.07 -24.03
CA LEU B 70 9.34 -3.37 -25.43
C LEU B 70 9.50 -2.05 -26.19
N PHE B 71 10.67 -1.88 -26.82
CA PHE B 71 10.89 -0.70 -27.64
C PHE B 71 11.89 -1.04 -28.75
N GLU B 72 11.63 -0.51 -29.94
CA GLU B 72 12.48 -0.73 -31.10
C GLU B 72 12.73 -2.22 -31.33
N GLY B 73 11.75 -3.04 -30.97
CA GLY B 73 11.78 -4.47 -31.21
C GLY B 73 12.51 -5.32 -30.17
N VAL B 74 13.01 -4.69 -29.11
CA VAL B 74 13.76 -5.43 -28.11
C VAL B 74 13.18 -5.27 -26.71
N THR B 75 13.47 -6.24 -25.84
CA THR B 75 12.96 -6.26 -24.48
C THR B 75 14.09 -6.49 -23.48
N PRO B 76 15.01 -5.52 -23.35
CA PRO B 76 16.18 -5.72 -22.48
C PRO B 76 15.80 -6.03 -21.03
N ASP B 77 16.48 -7.02 -20.45
CA ASP B 77 16.29 -7.41 -19.05
C ASP B 77 14.86 -7.85 -18.72
N LEU B 78 14.13 -8.30 -19.74
CA LEU B 78 12.79 -8.84 -19.53
C LEU B 78 12.85 -9.99 -18.53
N ASP B 79 13.92 -10.78 -18.63
CA ASP B 79 14.10 -11.95 -17.77
C ASP B 79 14.31 -11.57 -16.30
N ARG B 80 15.07 -10.52 -16.07
CA ARG B 80 15.33 -10.08 -14.69
C ARG B 80 14.07 -9.51 -14.06
N HIS B 81 13.34 -8.71 -14.84
CA HIS B 81 12.09 -8.12 -14.37
C HIS B 81 11.06 -9.20 -14.08
N SER B 82 11.05 -10.24 -14.91
CA SER B 82 10.14 -11.36 -14.71
C SER B 82 10.50 -12.08 -13.41
N ALA B 83 11.79 -12.25 -13.17
CA ALA B 83 12.23 -12.95 -11.98
C ALA B 83 11.91 -12.16 -10.72
N ARG B 84 12.08 -10.83 -10.78
CA ARG B 84 11.89 -10.00 -9.59
C ARG B 84 10.44 -9.98 -9.17
N ALA B 85 9.53 -10.16 -10.13
CA ALA B 85 8.11 -10.23 -9.84
C ALA B 85 7.83 -11.36 -8.84
N ASN B 86 8.49 -12.50 -9.02
CA ASN B 86 8.37 -13.60 -8.07
C ASN B 86 8.99 -13.26 -6.71
N ASP B 87 10.12 -12.55 -6.72
CA ASP B 87 10.76 -12.09 -5.49
C ASP B 87 9.84 -11.19 -4.69
N SER B 88 9.25 -10.21 -5.36
CA SER B 88 8.33 -9.28 -4.71
C SER B 88 7.13 -10.02 -4.12
N ALA B 89 6.63 -10.99 -4.87
CA ALA B 89 5.48 -11.77 -4.42
C ALA B 89 5.78 -12.47 -3.10
N ARG B 90 6.91 -13.17 -3.04
CA ARG B 90 7.28 -13.86 -1.80
C ARG B 90 7.52 -12.86 -0.69
N ALA B 91 8.04 -11.70 -1.04
CA ALA B 91 8.31 -10.65 -0.06
C ALA B 91 7.02 -10.09 0.53
N LEU B 92 5.90 -10.32 -0.15
CA LEU B 92 4.60 -9.85 0.33
C LEU B 92 3.75 -11.00 0.87
N GLY B 93 4.36 -12.17 1.07
CA GLY B 93 3.67 -13.30 1.65
C GLY B 93 2.80 -14.03 0.64
N LEU B 94 3.03 -13.77 -0.64
CA LEU B 94 2.31 -14.45 -1.70
C LEU B 94 3.11 -15.66 -2.15
N GLU B 95 2.45 -16.56 -2.87
CA GLU B 95 3.15 -17.68 -3.48
C GLU B 95 3.01 -17.59 -5.00
N PRO B 96 4.05 -17.07 -5.69
CA PRO B 96 4.03 -16.87 -7.14
C PRO B 96 3.65 -18.15 -7.88
N THR B 97 2.78 -18.03 -8.87
CA THR B 97 2.23 -19.18 -9.57
C THR B 97 3.03 -19.58 -10.81
N LEU B 98 3.89 -18.67 -11.28
CA LEU B 98 4.65 -18.93 -12.50
C LEU B 98 6.13 -18.75 -12.28
N SER B 99 6.93 -19.58 -12.96
CA SER B 99 8.37 -19.38 -12.97
C SER B 99 8.69 -18.13 -13.77
N ALA B 100 9.92 -17.63 -13.63
CA ALA B 100 10.34 -16.45 -14.37
C ALA B 100 10.29 -16.71 -15.88
N ASN B 101 10.69 -17.91 -16.29
CA ASN B 101 10.62 -18.25 -17.70
C ASN B 101 9.19 -18.28 -18.22
N ASP B 102 8.27 -18.78 -17.40
CA ASP B 102 6.85 -18.80 -17.76
C ASP B 102 6.35 -17.38 -18.02
N ILE B 103 6.69 -16.47 -17.11
CA ILE B 103 6.27 -15.07 -17.22
C ILE B 103 6.82 -14.41 -18.49
N GLU B 104 8.09 -14.66 -18.77
CA GLU B 104 8.74 -14.09 -19.94
C GLU B 104 8.10 -14.63 -21.23
N ALA B 105 7.88 -15.93 -21.30
CA ALA B 105 7.32 -16.55 -22.49
C ALA B 105 5.93 -15.99 -22.78
N LEU B 106 5.14 -15.85 -21.73
CA LEU B 106 3.81 -15.27 -21.85
CA LEU B 106 3.81 -15.26 -21.84
C LEU B 106 3.89 -13.85 -22.42
N ALA B 107 4.80 -13.06 -21.89
CA ALA B 107 4.99 -11.68 -22.33
C ALA B 107 5.34 -11.65 -23.80
N ARG B 108 6.23 -12.53 -24.24
CA ARG B 108 6.63 -12.56 -25.63
C ARG B 108 5.46 -12.92 -26.54
N GLU B 109 4.58 -13.80 -26.06
CA GLU B 109 3.38 -14.17 -26.81
C GLU B 109 2.41 -13.00 -26.91
N GLY B 110 2.22 -12.29 -25.80
CA GLY B 110 1.34 -11.15 -25.79
C GLY B 110 1.83 -10.00 -26.64
N LEU B 111 3.14 -9.75 -26.62
CA LEU B 111 3.73 -8.66 -27.40
C LEU B 111 3.46 -8.82 -28.90
N LYS B 112 3.34 -10.05 -29.37
CA LYS B 112 3.07 -10.32 -30.79
C LYS B 112 1.71 -9.79 -31.24
N LYS B 113 0.83 -9.57 -30.28
CA LYS B 113 -0.53 -9.13 -30.58
C LYS B 113 -0.60 -7.64 -30.93
N PHE B 114 0.44 -6.88 -30.64
CA PHE B 114 0.44 -5.45 -30.93
C PHE B 114 0.86 -5.17 -32.36
N ALA B 115 0.39 -4.05 -32.91
CA ALA B 115 0.80 -3.59 -34.23
C ALA B 115 2.31 -3.38 -34.25
N PRO B 116 2.93 -3.56 -35.43
CA PRO B 116 4.38 -3.34 -35.59
C PRO B 116 4.86 -1.98 -35.09
N ASP B 117 6.11 -1.94 -34.62
CA ASP B 117 6.73 -0.71 -34.14
C ASP B 117 5.94 -0.08 -32.99
N THR B 118 5.31 -0.92 -32.17
CA THR B 118 4.59 -0.40 -31.01
C THR B 118 5.37 -0.64 -29.72
N ASP B 119 5.64 0.45 -29.02
CA ASP B 119 6.34 0.38 -27.74
C ASP B 119 5.35 0.00 -26.65
N VAL B 120 5.75 -0.93 -25.79
CA VAL B 120 4.85 -1.53 -24.81
C VAL B 120 5.44 -1.52 -23.41
N TYR B 121 4.59 -1.22 -22.41
CA TYR B 121 4.97 -1.34 -21.02
C TYR B 121 4.45 -2.70 -20.53
N ILE B 122 5.34 -3.51 -20.00
CA ILE B 122 5.04 -4.90 -19.65
C ILE B 122 4.92 -5.04 -18.13
N ARG B 123 3.71 -5.31 -17.65
CA ARG B 123 3.51 -5.37 -16.20
C ARG B 123 2.91 -6.68 -15.70
N PRO B 124 3.76 -7.58 -15.20
CA PRO B 124 3.31 -8.76 -14.48
C PRO B 124 2.78 -8.35 -13.10
N MET B 125 1.75 -9.02 -12.62
CA MET B 125 1.14 -8.67 -11.32
C MET B 125 0.72 -9.91 -10.53
N TYR B 126 1.04 -9.93 -9.24
CA TYR B 126 0.60 -10.98 -8.32
C TYR B 126 -0.18 -10.37 -7.17
N TRP B 127 -1.19 -11.08 -6.67
CA TRP B 127 -1.98 -10.60 -5.53
C TRP B 127 -2.72 -11.75 -4.87
N ALA B 128 -3.17 -11.52 -3.64
CA ALA B 128 -3.97 -12.51 -2.92
C ALA B 128 -5.45 -12.25 -3.08
N GLU B 129 -6.20 -13.29 -3.43
CA GLU B 129 -7.64 -13.20 -3.52
C GLU B 129 -8.30 -13.36 -2.15
N GLU B 130 -7.68 -14.17 -1.29
CA GLU B 130 -8.23 -14.41 0.04
C GLU B 130 -7.23 -14.07 1.12
N GLY B 131 -7.75 -13.83 2.32
CA GLY B 131 -6.92 -13.68 3.51
C GLY B 131 -6.99 -14.97 4.30
N ASP B 132 -6.06 -15.17 5.23
CA ASP B 132 -6.12 -16.36 6.07
C ASP B 132 -7.08 -16.14 7.23
N ALA B 133 -6.91 -16.90 8.30
CA ALA B 133 -7.81 -16.83 9.46
C ALA B 133 -7.88 -15.44 10.05
N SER B 134 -6.82 -14.65 9.86
CA SER B 134 -6.73 -13.31 10.43
C SER B 134 -7.44 -12.28 9.57
N THR B 135 -7.92 -12.70 8.40
CA THR B 135 -8.50 -11.84 7.38
C THR B 135 -7.48 -10.88 6.74
N VAL B 136 -6.72 -10.17 7.55
CA VAL B 136 -5.78 -9.19 7.01
C VAL B 136 -4.60 -9.82 6.27
N ALA B 137 -3.99 -10.87 6.85
CA ALA B 137 -2.85 -11.51 6.20
C ALA B 137 -3.29 -12.34 4.99
N PRO B 138 -2.57 -12.21 3.87
CA PRO B 138 -2.95 -12.91 2.63
C PRO B 138 -2.84 -14.42 2.78
N LEU B 139 -3.78 -15.15 2.17
CA LEU B 139 -3.67 -16.60 2.09
C LEU B 139 -2.83 -16.94 0.87
N ALA B 140 -1.61 -17.41 1.11
CA ALA B 140 -0.62 -17.61 0.05
C ALA B 140 -1.16 -18.46 -1.09
N SER B 141 -1.96 -19.48 -0.76
CA SER B 141 -2.50 -20.36 -1.78
C SER B 141 -3.52 -19.68 -2.69
N SER B 142 -4.00 -18.50 -2.29
CA SER B 142 -5.00 -17.77 -3.07
C SER B 142 -4.34 -16.76 -3.99
N THR B 143 -3.03 -16.88 -4.18
CA THR B 143 -2.29 -16.00 -5.08
C THR B 143 -2.77 -16.18 -6.52
N ASP B 144 -3.07 -15.08 -7.20
CA ASP B 144 -3.45 -15.14 -8.60
C ASP B 144 -2.52 -14.23 -9.39
N PHE B 145 -2.60 -14.33 -10.72
CA PHE B 145 -1.66 -13.64 -11.60
C PHE B 145 -2.39 -12.93 -12.73
N ALA B 146 -1.82 -11.81 -13.18
CA ALA B 146 -2.27 -11.16 -14.39
C ALA B 146 -1.09 -10.45 -15.06
N LEU B 147 -1.07 -10.48 -16.38
CA LEU B 147 -0.02 -9.81 -17.14
C LEU B 147 -0.65 -8.75 -18.03
N CYS B 148 -0.40 -7.49 -17.71
CA CYS B 148 -1.00 -6.41 -18.46
C CYS B 148 0.03 -5.74 -19.35
N LEU B 149 -0.27 -5.70 -20.66
CA LEU B 149 0.61 -5.05 -21.61
C LEU B 149 -0.05 -3.78 -22.11
N GLU B 150 0.62 -2.65 -21.93
CA GLU B 150 0.06 -1.37 -22.36
C GLU B 150 0.96 -0.72 -23.39
N ALA B 151 0.37 -0.37 -24.53
CA ALA B 151 1.10 0.35 -25.56
C ALA B 151 1.36 1.77 -25.07
N ILE B 152 2.62 2.03 -24.73
CA ILE B 152 3.04 3.35 -24.30
C ILE B 152 4.25 3.75 -25.13
N PRO B 153 4.11 4.81 -25.95
CA PRO B 153 5.20 5.24 -26.83
C PRO B 153 6.47 5.58 -26.07
N MET B 154 7.60 5.11 -26.60
CA MET B 154 8.93 5.37 -26.05
C MET B 154 9.42 6.71 -26.59
N VAL B 155 9.44 7.74 -25.76
CA VAL B 155 9.79 9.05 -26.27
C VAL B 155 11.22 9.45 -25.91
N GLU B 156 11.89 10.10 -26.85
CA GLU B 156 13.23 10.61 -26.62
C GLU B 156 13.13 11.73 -25.60
N PRO B 157 13.71 11.51 -24.41
CA PRO B 157 13.50 12.41 -23.27
C PRO B 157 14.19 13.77 -23.43
N LYS B 158 13.47 14.82 -23.05
CA LYS B 158 14.06 16.15 -22.99
C LYS B 158 14.57 16.37 -21.57
N GLY B 159 14.24 15.45 -20.68
CA GLY B 159 14.65 15.54 -19.29
C GLY B 159 13.58 16.15 -18.39
N PHE B 160 13.70 15.95 -17.09
CA PHE B 160 12.74 16.50 -16.14
C PHE B 160 13.46 17.18 -14.98
N THR B 161 12.71 17.97 -14.20
CA THR B 161 13.30 18.72 -13.09
C THR B 161 12.97 18.09 -11.75
N ILE B 162 13.81 18.37 -10.76
CA ILE B 162 13.60 17.83 -9.42
C ILE B 162 13.67 18.92 -8.36
N THR B 163 13.07 18.63 -7.21
CA THR B 163 13.18 19.48 -6.02
C THR B 163 13.25 18.56 -4.81
N THR B 164 13.37 19.12 -3.62
CA THR B 164 13.36 18.29 -2.42
C THR B 164 11.92 18.01 -2.00
N THR B 165 11.75 17.01 -1.15
CA THR B 165 10.42 16.69 -0.61
C THR B 165 10.49 16.46 0.90
N SER B 166 9.40 16.76 1.59
CA SER B 166 9.35 16.57 3.03
C SER B 166 9.15 15.11 3.41
N PHE B 167 8.74 14.29 2.45
CA PHE B 167 8.49 12.89 2.74
C PHE B 167 9.75 12.08 2.49
N ARG B 168 9.84 10.92 3.14
CA ARG B 168 11.05 10.11 3.09
C ARG B 168 10.77 8.68 2.63
N ARG B 169 11.83 7.98 2.26
CA ARG B 169 11.74 6.55 2.03
C ARG B 169 11.34 5.85 3.32
N PRO B 170 10.44 4.86 3.23
CA PRO B 170 10.22 4.02 4.41
C PRO B 170 11.41 3.07 4.58
N TYR B 171 11.36 2.19 5.57
CA TYR B 171 12.42 1.20 5.74
C TYR B 171 11.81 -0.11 6.24
N LEU B 172 12.59 -1.19 6.18
CA LEU B 172 12.07 -2.54 6.39
C LEU B 172 11.33 -2.71 7.71
N GLU B 173 11.79 -2.00 8.74
CA GLU B 173 11.19 -2.11 10.06
C GLU B 173 9.74 -1.62 10.10
N VAL B 174 9.37 -0.70 9.21
CA VAL B 174 8.03 -0.11 9.24
C VAL B 174 7.18 -0.41 8.00
N MET B 175 7.81 -0.82 6.91
CA MET B 175 7.09 -1.29 5.71
C MET B 175 7.87 -2.40 5.01
N PRO B 176 7.15 -3.32 4.32
CA PRO B 176 7.82 -4.32 3.48
C PRO B 176 8.39 -3.69 2.21
N VAL B 177 9.47 -2.92 2.35
CA VAL B 177 10.05 -2.14 1.25
C VAL B 177 10.90 -2.95 0.28
N ASN B 178 11.17 -4.21 0.62
CA ASN B 178 11.99 -5.07 -0.24
C ASN B 178 11.22 -5.70 -1.38
N ALA B 179 10.30 -4.94 -1.94
CA ALA B 179 9.48 -5.45 -3.04
C ALA B 179 9.03 -4.31 -3.93
N ALA B 181 6.06 -3.18 -4.89
CA ALA B 181 4.69 -3.45 -4.47
C ALA B 181 3.81 -2.20 -4.57
N ALA B 182 2.55 -2.40 -4.92
CA ALA B 182 1.61 -1.29 -5.06
C ALA B 182 1.49 -0.43 -3.79
N CYS B 183 1.64 -1.06 -2.62
CA CYS B 183 1.41 -0.37 -1.35
C CYS B 183 2.46 0.70 -1.01
N LEU B 184 3.59 0.65 -1.73
CA LEU B 184 4.70 1.55 -1.47
C LEU B 184 4.60 2.87 -2.23
N TYR B 185 3.64 2.95 -3.16
CA TYR B 185 3.63 4.11 -4.06
C TYR B 185 2.75 5.31 -3.67
N PRO B 186 1.72 5.13 -2.80
CA PRO B 186 1.05 6.36 -2.37
C PRO B 186 1.97 7.36 -1.65
N ASN B 187 3.02 6.86 -1.01
CA ASN B 187 4.03 7.73 -0.41
C ASN B 187 4.73 8.56 -1.50
N ASN B 188 5.16 7.88 -2.56
CA ASN B 188 5.76 8.54 -3.73
C ASN B 188 4.82 9.54 -4.36
N ALA B 189 3.52 9.23 -4.34
CA ALA B 189 2.50 10.12 -4.90
C ALA B 189 2.54 11.46 -4.17
N ARG B 190 2.65 11.41 -2.85
CA ARG B 190 2.75 12.63 -2.04
C ARG B 190 4.00 13.43 -2.40
N MET B 191 5.08 12.73 -2.70
CA MET B 191 6.31 13.40 -3.11
C MET B 191 6.12 14.15 -4.42
N LEU B 192 5.47 13.50 -5.38
CA LEU B 192 5.23 14.09 -6.68
C LEU B 192 4.31 15.29 -6.58
N ARG B 193 3.26 15.14 -5.76
CA ARG B 193 2.31 16.23 -5.52
C ARG B 193 3.04 17.44 -4.97
N GLU B 194 3.92 17.19 -4.00
CA GLU B 194 4.69 18.25 -3.37
C GLU B 194 5.63 18.89 -4.39
N ALA B 195 6.26 18.08 -5.24
CA ALA B 195 7.14 18.59 -6.28
C ALA B 195 6.37 19.48 -7.26
N LYS B 196 5.22 18.99 -7.71
CA LYS B 196 4.35 19.75 -8.60
C LYS B 196 3.94 21.09 -7.97
N ALA B 197 3.67 21.09 -6.66
CA ALA B 197 3.27 22.30 -5.96
C ALA B 197 4.37 23.36 -6.03
N LYS B 198 5.62 22.92 -6.07
CA LYS B 198 6.75 23.84 -6.12
C LYS B 198 7.16 24.14 -7.57
N GLY B 199 6.50 23.51 -8.52
CA GLY B 199 6.74 23.78 -9.93
C GLY B 199 7.79 22.89 -10.58
N PHE B 200 7.94 21.67 -10.07
CA PHE B 200 8.92 20.73 -10.60
C PHE B 200 8.25 19.39 -10.90
N HIS B 201 8.91 18.60 -11.74
CA HIS B 201 8.32 17.34 -12.20
C HIS B 201 8.40 16.24 -11.15
N ASN B 202 9.48 16.25 -10.39
CA ASN B 202 9.81 15.10 -9.57
C ASN B 202 10.56 15.53 -8.32
N ALA B 203 10.83 14.58 -7.44
CA ALA B 203 11.48 14.91 -6.19
C ALA B 203 12.75 14.10 -6.01
N LEU B 204 13.77 14.73 -5.42
CA LEU B 204 14.96 14.01 -4.99
C LEU B 204 14.75 13.57 -3.54
N VAL B 205 14.63 12.27 -3.34
CA VAL B 205 14.14 11.71 -2.08
C VAL B 205 15.24 11.16 -1.18
N THR B 206 15.14 11.45 0.11
CA THR B 206 16.10 10.94 1.07
C THR B 206 15.52 9.82 1.94
N ASP B 207 16.41 9.02 2.52
CA ASP B 207 15.99 8.02 3.49
C ASP B 207 15.86 8.68 4.86
N VAL B 208 15.54 7.91 5.90
CA VAL B 208 15.33 8.48 7.22
C VAL B 208 16.64 8.97 7.85
N LEU B 209 17.77 8.49 7.32
CA LEU B 209 19.06 8.96 7.80
C LEU B 209 19.37 10.33 7.20
N GLY B 210 18.55 10.74 6.23
CA GLY B 210 18.73 12.04 5.58
C GLY B 210 19.64 12.01 4.37
N ASN B 211 19.95 10.82 3.89
CA ASN B 211 20.78 10.65 2.69
C ASN B 211 19.95 10.38 1.45
N VAL B 212 20.38 10.93 0.31
CA VAL B 212 19.67 10.72 -0.95
C VAL B 212 19.54 9.23 -1.25
N ALA B 213 18.33 8.82 -1.61
CA ALA B 213 18.08 7.43 -1.99
C ALA B 213 17.88 7.30 -3.50
N GLU B 214 16.97 8.11 -4.03
CA GLU B 214 16.53 8.00 -5.41
C GLU B 214 15.56 9.15 -5.71
N THR B 215 14.87 9.10 -6.85
CA THR B 215 13.79 10.05 -7.10
C THR B 215 12.51 9.44 -6.60
N ALA B 216 11.39 10.10 -6.80
CA ALA B 216 10.11 9.56 -6.37
C ALA B 216 9.64 8.42 -7.27
N THR B 217 10.26 8.28 -8.43
CA THR B 217 9.81 7.29 -9.41
C THR B 217 10.92 6.40 -9.97
N SER B 218 12.17 6.67 -9.61
CA SER B 218 13.29 6.00 -10.27
C SER B 218 14.61 6.18 -9.53
N ASN B 219 15.56 5.29 -9.79
CA ASN B 219 16.91 5.43 -9.27
C ASN B 219 17.58 6.69 -9.82
N VAL B 220 18.47 7.28 -9.03
CA VAL B 220 19.15 8.51 -9.43
C VAL B 220 20.67 8.35 -9.50
N PHE B 221 21.27 9.08 -10.43
CA PHE B 221 22.72 9.12 -10.63
C PHE B 221 23.19 10.57 -10.69
N MET B 222 24.46 10.80 -10.37
CA MET B 222 25.04 12.10 -10.66
C MET B 222 26.45 11.91 -11.23
N VAL B 223 26.93 12.93 -11.92
CA VAL B 223 28.26 12.91 -12.49
C VAL B 223 29.03 14.10 -11.94
N ARG B 224 30.27 13.85 -11.53
CA ARG B 224 31.11 14.89 -10.96
C ARG B 224 32.56 14.59 -11.32
N GLY B 225 33.20 15.53 -12.00
CA GLY B 225 34.57 15.36 -12.43
C GLY B 225 34.77 14.16 -13.34
N GLY B 226 33.76 13.88 -14.17
CA GLY B 226 33.87 12.80 -15.12
C GLY B 226 33.60 11.44 -14.50
N GLU B 227 33.36 11.43 -13.18
CA GLU B 227 33.04 10.20 -12.47
C GLU B 227 31.56 10.11 -12.15
N VAL B 228 31.04 8.88 -12.12
CA VAL B 228 29.63 8.66 -11.82
C VAL B 228 29.45 8.25 -10.37
N PHE B 229 28.49 8.88 -9.71
CA PHE B 229 28.14 8.56 -8.33
C PHE B 229 26.67 8.22 -8.25
N THR B 230 26.34 7.21 -7.45
CA THR B 230 24.95 6.83 -7.25
C THR B 230 24.77 6.31 -5.83
N PRO B 231 23.60 6.59 -5.22
CA PRO B 231 23.37 6.16 -3.84
C PRO B 231 23.64 4.67 -3.63
N VAL B 232 24.38 4.36 -2.58
CA VAL B 232 24.68 2.99 -2.22
C VAL B 232 23.41 2.31 -1.72
N PRO B 233 23.14 1.09 -2.21
CA PRO B 233 21.96 0.35 -1.72
C PRO B 233 22.04 0.14 -0.22
N ASN B 234 21.00 0.56 0.52
CA ASN B 234 20.99 0.33 1.95
C ASN B 234 19.65 -0.24 2.42
N GLY B 235 18.81 -0.63 1.46
CA GLY B 235 17.56 -1.28 1.77
C GLY B 235 16.36 -0.34 1.81
N THR B 236 16.59 0.96 1.65
CA THR B 236 15.49 1.92 1.70
C THR B 236 14.87 2.22 0.34
N PHE B 237 15.52 1.75 -0.72
CA PHE B 237 15.02 1.95 -2.08
C PHE B 237 15.39 0.75 -2.91
N LEU B 238 14.70 0.57 -4.04
CA LEU B 238 14.95 -0.58 -4.91
CA LEU B 238 14.94 -0.57 -4.90
C LEU B 238 16.24 -0.41 -5.69
N ASN B 239 17.08 -1.44 -5.64
CA ASN B 239 18.27 -1.48 -6.49
C ASN B 239 17.81 -1.87 -7.89
N GLY B 240 17.46 -0.87 -8.68
CA GLY B 240 16.83 -1.10 -9.97
C GLY B 240 17.61 -1.99 -10.91
N ILE B 241 16.88 -2.71 -11.75
CA ILE B 241 17.48 -3.56 -12.75
C ILE B 241 18.15 -2.70 -13.82
N THR B 242 17.53 -1.57 -14.16
CA THR B 242 18.12 -0.64 -15.11
C THR B 242 19.37 -0.02 -14.51
N ARG B 243 19.29 0.33 -13.23
CA ARG B 243 20.41 0.89 -12.49
C ARG B 243 21.64 -0.02 -12.58
N GLN B 244 21.43 -1.30 -12.30
CA GLN B 244 22.50 -2.28 -12.34
C GLN B 244 23.09 -2.42 -13.75
N ARG B 245 22.23 -2.37 -14.76
CA ARG B 245 22.68 -2.50 -16.14
C ARG B 245 23.56 -1.33 -16.56
N VAL B 246 23.11 -0.11 -16.21
CA VAL B 246 23.83 1.10 -16.57
C VAL B 246 25.19 1.15 -15.87
N ILE B 247 25.24 0.73 -14.61
CA ILE B 247 26.49 0.66 -13.88
C ILE B 247 27.47 -0.29 -14.56
N LYS B 248 26.97 -1.48 -14.91
CA LYS B 248 27.79 -2.49 -15.54
C LYS B 248 28.37 -2.00 -16.86
N LEU B 249 27.53 -1.37 -17.66
CA LEU B 249 27.95 -0.89 -18.98
C LEU B 249 28.93 0.27 -18.90
N LEU B 250 28.69 1.19 -17.98
CA LEU B 250 29.59 2.34 -17.82
C LEU B 250 30.98 1.89 -17.45
N ARG B 251 31.07 0.97 -16.50
CA ARG B 251 32.37 0.49 -16.03
C ARG B 251 33.11 -0.25 -17.15
N GLU B 252 32.36 -0.99 -17.97
CA GLU B 252 32.97 -1.70 -19.08
C GLU B 252 33.49 -0.72 -20.13
N ALA B 253 32.91 0.47 -20.18
CA ALA B 253 33.33 1.50 -21.11
C ALA B 253 34.44 2.36 -20.51
N GLY B 254 34.90 1.98 -19.32
CA GLY B 254 36.01 2.66 -18.69
C GLY B 254 35.63 3.81 -17.79
N VAL B 255 34.34 3.95 -17.52
CA VAL B 255 33.86 5.03 -16.66
C VAL B 255 33.85 4.57 -15.21
N SER B 256 34.41 5.39 -14.33
CA SER B 256 34.39 5.11 -12.90
C SER B 256 33.00 5.36 -12.32
N VAL B 257 32.45 4.33 -11.68
CA VAL B 257 31.13 4.43 -11.06
C VAL B 257 31.21 4.09 -9.57
N HIS B 258 30.78 5.04 -8.75
CA HIS B 258 30.87 4.88 -7.30
C HIS B 258 29.50 4.72 -6.64
N GLU B 259 29.32 3.63 -5.92
CA GLU B 259 28.14 3.44 -5.09
C GLU B 259 28.47 3.91 -3.68
N THR B 260 28.08 5.14 -3.36
CA THR B 260 28.44 5.75 -2.09
CA THR B 260 28.45 5.78 -2.11
C THR B 260 27.26 6.49 -1.48
N THR B 261 27.45 6.97 -0.26
CA THR B 261 26.43 7.78 0.37
C THR B 261 26.48 9.20 -0.19
N LEU B 262 25.35 9.65 -0.71
CA LEU B 262 25.27 10.99 -1.27
C LEU B 262 24.25 11.82 -0.50
N LYS B 263 24.60 13.08 -0.28
CA LYS B 263 23.70 14.01 0.37
C LYS B 263 23.16 14.99 -0.67
N ILE B 264 22.16 15.78 -0.28
CA ILE B 264 21.56 16.76 -1.17
C ILE B 264 22.61 17.70 -1.73
N GLU B 265 23.54 18.11 -0.87
CA GLU B 265 24.64 18.99 -1.26
C GLU B 265 25.45 18.42 -2.42
N ASP B 266 25.61 17.10 -2.46
CA ASP B 266 26.36 16.48 -3.57
C ASP B 266 25.65 16.74 -4.90
N PHE B 267 24.33 16.67 -4.89
CA PHE B 267 23.57 16.89 -6.11
C PHE B 267 23.49 18.37 -6.44
N ARG B 268 23.62 19.22 -5.42
CA ARG B 268 23.66 20.66 -5.64
C ARG B 268 24.88 21.05 -6.48
N GLU B 269 25.97 20.32 -6.29
CA GLU B 269 27.24 20.63 -6.95
C GLU B 269 27.55 19.72 -8.15
N ALA B 270 26.61 18.84 -8.50
CA ALA B 270 26.83 17.86 -9.55
C ALA B 270 27.03 18.53 -10.92
N ASP B 271 27.91 17.95 -11.75
CA ASP B 271 28.06 18.38 -13.13
C ASP B 271 26.87 17.92 -13.96
N GLU B 272 26.44 16.69 -13.73
CA GLU B 272 25.27 16.12 -14.40
C GLU B 272 24.43 15.34 -13.39
N ILE B 273 23.13 15.26 -13.63
CA ILE B 273 22.24 14.40 -12.86
C ILE B 273 21.36 13.62 -13.81
N PHE B 274 21.19 12.32 -13.60
CA PHE B 274 20.24 11.58 -14.43
C PHE B 274 19.55 10.46 -13.67
N SER B 275 18.53 9.89 -14.31
CA SER B 275 17.72 8.85 -13.71
CA SER B 275 17.76 8.83 -13.69
C SER B 275 17.70 7.58 -14.56
N THR B 276 17.54 6.43 -13.92
CA THR B 276 17.35 5.17 -14.62
C THR B 276 16.11 4.47 -14.10
N GLY B 277 15.43 3.73 -14.98
CA GLY B 277 14.21 3.04 -14.64
C GLY B 277 13.66 2.38 -15.88
N ASN B 278 12.72 1.46 -15.70
CA ASN B 278 12.24 0.68 -16.83
C ASN B 278 11.58 1.52 -17.94
N MET B 279 10.84 2.55 -17.54
CA MET B 279 9.95 3.28 -18.46
C MET B 279 10.70 3.93 -19.62
N SER B 280 11.82 4.61 -19.34
CA SER B 280 12.56 5.29 -20.40
C SER B 280 14.06 5.00 -20.35
N LYS B 281 14.43 4.08 -19.45
CA LYS B 281 15.79 3.56 -19.30
C LYS B 281 16.81 4.60 -18.78
N VAL B 282 17.18 5.58 -19.59
CA VAL B 282 18.16 6.58 -19.16
C VAL B 282 17.64 7.96 -19.49
N VAL B 283 17.47 8.77 -18.45
CA VAL B 283 16.84 10.08 -18.58
C VAL B 283 17.60 11.16 -17.79
N PRO B 284 17.95 12.25 -18.47
CA PRO B 284 18.68 13.35 -17.83
C PRO B 284 17.79 14.14 -16.88
N ILE B 285 18.38 14.66 -15.81
CA ILE B 285 17.65 15.58 -14.94
C ILE B 285 18.24 16.95 -15.21
N ILE B 286 17.41 17.83 -15.75
CA ILE B 286 17.89 19.09 -16.31
C ILE B 286 17.66 20.27 -15.40
N GLY B 287 17.32 19.99 -14.14
CA GLY B 287 17.08 21.05 -13.19
C GLY B 287 16.96 20.53 -11.77
N PHE B 288 17.62 21.23 -10.84
CA PHE B 288 17.47 20.93 -9.43
C PHE B 288 17.15 22.25 -8.74
N ASP B 289 15.86 22.44 -8.47
CA ASP B 289 15.34 23.71 -8.00
C ASP B 289 15.76 24.86 -8.92
N GLU B 290 16.49 25.83 -8.39
CA GLU B 290 16.81 27.03 -9.17
C GLU B 290 17.97 26.82 -10.15
N ARG B 291 18.64 25.67 -10.06
CA ARG B 291 19.81 25.41 -10.88
C ARG B 291 19.49 24.54 -12.09
N LYS B 292 19.59 25.13 -13.28
CA LYS B 292 19.45 24.36 -14.52
C LYS B 292 20.72 23.57 -14.80
N LEU B 293 20.55 22.39 -15.39
CA LEU B 293 21.68 21.55 -15.78
C LEU B 293 21.51 21.06 -17.21
N ASP B 294 22.61 21.01 -17.96
CA ASP B 294 22.56 20.48 -19.31
C ASP B 294 22.33 18.97 -19.32
N TYR B 295 21.78 18.48 -20.42
CA TYR B 295 21.84 17.06 -20.76
C TYR B 295 23.32 16.75 -20.97
N GLY B 296 23.97 16.15 -19.96
CA GLY B 296 25.42 16.05 -19.95
C GLY B 296 26.00 14.92 -20.81
N LEU B 297 27.30 15.00 -21.05
CA LEU B 297 27.98 14.04 -21.93
C LEU B 297 28.00 12.62 -21.37
N VAL B 298 28.26 12.48 -20.07
CA VAL B 298 28.31 11.15 -19.47
C VAL B 298 26.92 10.49 -19.46
N THR B 299 25.90 11.30 -19.20
CA THR B 299 24.53 10.81 -19.28
C THR B 299 24.25 10.28 -20.69
N LYS B 300 24.68 11.04 -21.70
CA LYS B 300 24.49 10.62 -23.08
C LYS B 300 25.21 9.32 -23.37
N ARG B 301 26.39 9.13 -22.77
CA ARG B 301 27.13 7.89 -22.97
C ARG B 301 26.37 6.72 -22.37
N ALA B 302 25.86 6.93 -21.16
CA ALA B 302 25.06 5.92 -20.48
C ALA B 302 23.88 5.47 -21.34
N ARG B 303 23.13 6.43 -21.87
CA ARG B 303 21.97 6.10 -22.71
C ARG B 303 22.40 5.39 -23.98
N ALA B 304 23.49 5.87 -24.59
CA ALA B 304 24.01 5.28 -25.82
C ALA B 304 24.47 3.85 -25.56
N LEU B 305 25.19 3.66 -24.46
CA LEU B 305 25.68 2.35 -24.08
C LEU B 305 24.53 1.40 -23.79
N TYR B 306 23.47 1.92 -23.17
CA TYR B 306 22.31 1.07 -22.88
C TYR B 306 21.65 0.61 -24.17
N TRP B 307 21.43 1.56 -25.09
CA TRP B 307 20.77 1.23 -26.35
C TRP B 307 21.60 0.27 -27.18
N GLU B 308 22.93 0.43 -27.13
CA GLU B 308 23.82 -0.46 -27.87
C GLU B 308 23.68 -1.88 -27.34
N TRP B 309 23.78 -2.03 -26.01
CA TRP B 309 23.63 -3.35 -25.40
C TRP B 309 22.23 -3.92 -25.66
N ALA B 310 21.23 -3.07 -25.56
CA ALA B 310 19.84 -3.49 -25.74
C ALA B 310 19.61 -4.07 -27.13
N HIS B 311 20.31 -3.53 -28.13
CA HIS B 311 20.16 -3.99 -29.51
C HIS B 311 21.20 -5.02 -29.93
N ALA B 312 22.02 -5.45 -28.98
CA ALA B 312 23.05 -6.44 -29.26
C ALA B 312 22.43 -7.82 -29.46
#